data_9H2Y
#
_entry.id   9H2Y
#
_cell.length_a   39.850
_cell.length_b   104.010
_cell.length_c   41.990
_cell.angle_alpha   90.000
_cell.angle_beta   104.450
_cell.angle_gamma   90.000
#
_symmetry.space_group_name_H-M   'P 1 21 1'
#
loop_
_entity.id
_entity.type
_entity.pdbx_description
1 polymer 'YTH domain-containing protein 1'
2 non-polymer 3-sulfanyl-1,2,4-triazin-5-ol
3 non-polymer 'SULFATE ION'
4 water water
#
_entity_poly.entity_id   1
_entity_poly.type   'polypeptide(L)'
_entity_poly.pdbx_seq_one_letter_code
;GTSKLKYVLQDARFFLIKSNNHENVSLAKAKGVWSTLPVNEKKLNLAFRSARSVILIFSVRESGKFQGFARLSSESHHGG
SPIHWVLPAGMSAKMLGGVFKIDWICRRELPFTKSAHLTNPWNEHKPVKIGRDGQEIELECGTQLCLLFPPDESIDLYQV
IHKMRH
;
_entity_poly.pdbx_strand_id   A,B
#
loop_
_chem_comp.id
_chem_comp.type
_chem_comp.name
_chem_comp.formula
A1IR4 non-polymer 3-sulfanyl-1,2,4-triazin-5-ol 'C3 H3 N3 O S'
SO4 non-polymer 'SULFATE ION' 'O4 S -2'
#
# COMPACT_ATOMS: atom_id res chain seq x y z
N GLY A 1 0.31 1.63 -6.96
CA GLY A 1 1.17 2.79 -6.83
C GLY A 1 2.33 2.58 -5.88
N THR A 2 3.10 3.65 -5.66
CA THR A 2 4.27 3.60 -4.78
C THR A 2 4.12 4.49 -3.55
N SER A 3 2.95 5.11 -3.35
CA SER A 3 2.82 6.07 -2.28
C SER A 3 2.80 5.41 -0.91
N LYS A 4 2.05 4.31 -0.75
CA LYS A 4 2.06 3.64 0.53
C LYS A 4 3.44 3.06 0.82
N LEU A 5 4.15 2.58 -0.21
CA LEU A 5 5.51 2.09 -0.01
C LEU A 5 6.42 3.19 0.50
N LYS A 6 6.38 4.37 -0.12
CA LYS A 6 7.18 5.48 0.37
C LYS A 6 6.83 5.83 1.81
N TYR A 7 5.55 5.76 2.17
CA TYR A 7 5.14 6.08 3.55
C TYR A 7 5.75 5.09 4.53
N VAL A 8 5.73 3.81 4.20
CA VAL A 8 6.32 2.79 5.06
C VAL A 8 7.82 3.01 5.24
N LEU A 9 8.50 3.47 4.19
CA LEU A 9 9.94 3.62 4.22
C LEU A 9 10.40 4.93 4.83
N GLN A 10 9.49 5.85 5.12
CA GLN A 10 9.85 7.13 5.68
C GLN A 10 10.61 6.96 6.98
N ASP A 11 11.80 7.54 7.06
CA ASP A 11 12.62 7.52 8.27
C ASP A 11 12.90 6.10 8.76
N ALA A 12 12.95 5.15 7.83
CA ALA A 12 13.21 3.77 8.19
C ALA A 12 14.71 3.56 8.36
N ARG A 13 15.07 2.46 9.02
CA ARG A 13 16.42 1.95 8.98
C ARG A 13 16.45 0.68 8.13
N PHE A 14 17.57 0.42 7.50
CA PHE A 14 17.70 -0.62 6.50
C PHE A 14 18.91 -1.48 6.82
N PHE A 15 18.76 -2.80 6.71
CA PHE A 15 19.87 -3.73 6.97
C PHE A 15 19.95 -4.76 5.85
N LEU A 16 21.16 -4.99 5.37
CA LEU A 16 21.43 -6.04 4.40
C LEU A 16 21.48 -7.38 5.13
N ILE A 17 20.72 -8.35 4.65
CA ILE A 17 20.67 -9.69 5.23
C ILE A 17 21.15 -10.66 4.17
N LYS A 18 22.17 -11.45 4.50
CA LYS A 18 22.80 -12.36 3.54
C LYS A 18 22.52 -13.80 3.98
N SER A 19 21.79 -14.54 3.14
CA SER A 19 21.42 -15.92 3.39
C SER A 19 22.37 -16.83 2.62
N ASN A 20 22.81 -17.91 3.25
CA ASN A 20 23.71 -18.83 2.57
C ASN A 20 23.01 -19.68 1.52
N ASN A 21 21.68 -19.74 1.52
CA ASN A 21 20.97 -20.59 0.57
C ASN A 21 19.57 -20.04 0.29
N HIS A 22 19.00 -20.51 -0.82
CA HIS A 22 17.64 -20.10 -1.16
C HIS A 22 16.63 -20.69 -0.20
N GLU A 23 16.91 -21.86 0.38
CA GLU A 23 15.92 -22.53 1.21
C GLU A 23 15.53 -21.68 2.42
N ASN A 24 16.50 -20.99 3.02
CA ASN A 24 16.19 -20.18 4.19
C ASN A 24 15.34 -18.96 3.82
N VAL A 25 15.58 -18.35 2.66
CA VAL A 25 14.73 -17.24 2.22
C VAL A 25 13.33 -17.73 1.90
N SER A 26 13.21 -18.94 1.35
CA SER A 26 11.89 -19.51 1.09
CA SER A 26 11.90 -19.52 1.09
C SER A 26 11.13 -19.72 2.40
N LEU A 27 11.78 -20.26 3.43
CA LEU A 27 11.15 -20.42 4.72
C LEU A 27 10.70 -19.06 5.28
N ALA A 28 11.56 -18.05 5.14
CA ALA A 28 11.22 -16.72 5.66
C ALA A 28 10.02 -16.14 4.95
N LYS A 29 9.93 -16.33 3.62
CA LYS A 29 8.80 -15.83 2.85
C LYS A 29 7.52 -16.57 3.19
N ALA A 30 7.62 -17.87 3.49
CA ALA A 30 6.43 -18.66 3.76
C ALA A 30 5.89 -18.40 5.17
N LYS A 31 6.78 -18.24 6.14
CA LYS A 31 6.40 -18.16 7.55
C LYS A 31 6.45 -16.76 8.12
N GLY A 32 7.02 -15.79 7.41
CA GLY A 32 7.10 -14.45 7.96
C GLY A 32 8.05 -14.34 9.13
N VAL A 33 9.20 -15.00 9.06
CA VAL A 33 10.14 -15.07 10.15
C VAL A 33 11.57 -14.91 9.65
N TRP A 34 12.45 -14.45 10.55
CA TRP A 34 13.88 -14.47 10.31
C TRP A 34 14.61 -14.67 11.63
N SER A 35 15.74 -15.34 11.57
CA SER A 35 16.64 -15.49 12.71
CA SER A 35 16.64 -15.49 12.71
C SER A 35 18.06 -15.21 12.23
N THR A 36 18.87 -14.62 13.10
CA THR A 36 20.22 -14.24 12.73
C THR A 36 21.15 -14.51 13.90
N LEU A 37 22.44 -14.28 13.68
CA LEU A 37 23.43 -14.54 14.70
C LEU A 37 23.32 -13.49 15.81
N PRO A 38 23.81 -13.81 17.03
CA PRO A 38 23.60 -12.91 18.17
C PRO A 38 24.09 -11.48 17.96
N VAL A 39 25.21 -11.29 17.26
CA VAL A 39 25.71 -9.94 17.00
C VAL A 39 24.67 -9.12 16.25
N ASN A 40 24.06 -9.71 15.21
CA ASN A 40 23.05 -9.00 14.44
C ASN A 40 21.71 -8.95 15.15
N GLU A 41 21.39 -9.99 15.93
CA GLU A 41 20.15 -9.96 16.69
C GLU A 41 20.14 -8.75 17.63
N LYS A 42 21.28 -8.48 18.27
CA LYS A 42 21.40 -7.31 19.14
C LYS A 42 21.20 -6.02 18.38
N LYS A 43 21.86 -5.90 17.22
CA LYS A 43 21.72 -4.68 16.41
C LYS A 43 20.28 -4.48 15.96
N LEU A 44 19.59 -5.56 15.57
CA LEU A 44 18.23 -5.41 15.06
C LEU A 44 17.25 -5.11 16.17
N ASN A 45 17.45 -5.71 17.35
CA ASN A 45 16.60 -5.37 18.49
C ASN A 45 16.76 -3.90 18.86
N LEU A 46 18.01 -3.41 18.89
CA LEU A 46 18.24 -1.98 19.13
C LEU A 46 17.58 -1.13 18.06
N ALA A 47 17.66 -1.54 16.81
CA ALA A 47 17.06 -0.74 15.73
C ALA A 47 15.54 -0.76 15.80
N PHE A 48 14.94 -1.89 16.18
CA PHE A 48 13.47 -1.99 16.18
C PHE A 48 12.85 -0.98 17.14
N ARG A 49 13.52 -0.71 18.26
CA ARG A 49 13.01 0.26 19.22
C ARG A 49 13.32 1.70 18.81
N SER A 50 14.25 1.89 17.87
CA SER A 50 14.79 3.20 17.55
C SER A 50 14.08 3.87 16.38
N ALA A 51 13.33 3.14 15.57
CA ALA A 51 12.87 3.66 14.29
C ALA A 51 11.45 3.21 14.03
N ARG A 52 10.74 4.00 13.21
CA ARG A 52 9.35 3.68 12.92
C ARG A 52 9.23 2.44 12.04
N SER A 53 10.26 2.13 11.23
CA SER A 53 10.30 0.93 10.43
C SER A 53 11.75 0.46 10.34
N VAL A 54 11.95 -0.85 10.48
CA VAL A 54 13.23 -1.51 10.24
C VAL A 54 13.04 -2.47 9.08
N ILE A 55 13.83 -2.28 8.01
CA ILE A 55 13.66 -3.00 6.75
C ILE A 55 14.87 -3.92 6.58
N LEU A 56 14.59 -5.20 6.32
CA LEU A 56 15.59 -6.18 5.98
C LEU A 56 15.57 -6.41 4.48
N ILE A 57 16.71 -6.26 3.83
CA ILE A 57 16.82 -6.46 2.38
C ILE A 57 17.65 -7.72 2.18
N PHE A 58 17.07 -8.74 1.55
CA PHE A 58 17.63 -10.09 1.55
C PHE A 58 18.43 -10.37 0.29
N SER A 59 19.56 -11.05 0.43
CA SER A 59 20.32 -11.51 -0.73
C SER A 59 20.92 -12.88 -0.43
N VAL A 60 20.65 -13.85 -1.30
CA VAL A 60 21.21 -15.18 -1.15
C VAL A 60 22.64 -15.16 -1.66
N ARG A 61 23.56 -15.68 -0.86
CA ARG A 61 24.98 -15.65 -1.21
C ARG A 61 25.19 -16.35 -2.55
N GLU A 62 26.01 -15.73 -3.40
CA GLU A 62 26.38 -16.21 -4.73
C GLU A 62 25.28 -16.08 -5.75
N SER A 63 24.12 -15.52 -5.40
CA SER A 63 23.02 -15.47 -6.34
C SER A 63 23.10 -14.29 -7.30
N GLY A 64 23.88 -13.25 -6.98
CA GLY A 64 23.88 -12.06 -7.79
C GLY A 64 22.62 -11.24 -7.76
N LYS A 65 21.73 -11.49 -6.78
CA LYS A 65 20.46 -10.78 -6.72
C LYS A 65 20.07 -10.53 -5.27
N PHE A 66 19.17 -9.57 -5.09
CA PHE A 66 18.35 -9.49 -3.88
C PHE A 66 17.04 -10.23 -4.14
N GLN A 67 16.49 -10.86 -3.09
CA GLN A 67 15.28 -11.67 -3.24
C GLN A 67 14.03 -11.01 -2.65
N GLY A 68 14.14 -9.81 -2.11
CA GLY A 68 12.99 -9.08 -1.62
C GLY A 68 13.37 -8.32 -0.37
N PHE A 69 12.36 -7.69 0.24
CA PHE A 69 12.58 -6.97 1.48
C PHE A 69 11.32 -7.01 2.33
N ALA A 70 11.52 -6.86 3.63
CA ALA A 70 10.51 -7.09 4.64
C ALA A 70 10.73 -6.12 5.80
N ARG A 71 9.68 -5.86 6.56
CA ARG A 71 9.73 -4.96 7.71
C ARG A 71 9.59 -5.78 8.99
N LEU A 72 10.47 -5.54 9.96
CA LEU A 72 10.31 -6.18 11.26
C LEU A 72 8.98 -5.77 11.90
N SER A 73 8.23 -6.76 12.38
CA SER A 73 7.02 -6.49 13.14
C SER A 73 7.18 -6.79 14.63
N SER A 74 8.32 -7.31 15.05
CA SER A 74 8.56 -7.62 16.45
C SER A 74 10.06 -7.66 16.70
N GLU A 75 10.44 -7.58 17.97
CA GLU A 75 11.78 -7.95 18.39
C GLU A 75 11.91 -9.47 18.35
N SER A 76 13.13 -9.96 18.56
CA SER A 76 13.30 -11.40 18.54
C SER A 76 12.71 -12.04 19.79
N HIS A 77 12.23 -13.27 19.63
CA HIS A 77 11.64 -14.02 20.73
C HIS A 77 12.00 -15.48 20.60
N HIS A 78 12.30 -16.11 21.73
CA HIS A 78 12.66 -17.52 21.77
C HIS A 78 11.43 -18.40 22.01
N GLY A 79 11.62 -19.70 21.84
CA GLY A 79 10.50 -20.61 21.83
C GLY A 79 9.83 -20.60 20.48
N GLY A 80 8.50 -20.68 20.46
CA GLY A 80 7.77 -20.68 19.19
C GLY A 80 7.99 -21.94 18.38
N SER A 81 7.23 -22.09 17.31
CA SER A 81 7.33 -23.28 16.48
C SER A 81 8.71 -23.36 15.83
N PRO A 82 9.39 -24.50 15.91
CA PRO A 82 10.75 -24.58 15.36
C PRO A 82 10.77 -24.33 13.85
N ILE A 83 11.78 -23.59 13.41
CA ILE A 83 12.04 -23.35 11.99
C ILE A 83 13.19 -24.23 11.57
N HIS A 84 12.97 -25.05 10.55
CA HIS A 84 13.99 -25.99 10.09
C HIS A 84 14.93 -25.30 9.10
N TRP A 85 15.69 -24.34 9.61
CA TRP A 85 16.66 -23.63 8.78
C TRP A 85 17.66 -24.64 8.21
N VAL A 86 17.78 -24.66 6.89
CA VAL A 86 18.83 -25.45 6.25
C VAL A 86 20.15 -24.75 6.53
N LEU A 87 20.94 -25.29 7.47
CA LEU A 87 22.11 -24.64 8.00
C LEU A 87 23.37 -25.12 7.28
N PRO A 88 24.37 -24.24 7.12
CA PRO A 88 25.67 -24.57 6.52
C PRO A 88 26.53 -25.42 7.45
N MET A 95 22.77 -21.35 17.59
CA MET A 95 23.32 -20.06 17.20
C MET A 95 22.23 -19.13 16.69
N LEU A 96 21.34 -19.66 15.84
CA LEU A 96 20.18 -18.91 15.37
C LEU A 96 19.20 -18.81 16.53
N GLY A 97 19.46 -17.83 17.39
CA GLY A 97 18.69 -17.67 18.62
C GLY A 97 17.24 -17.29 18.42
N GLY A 98 16.90 -16.04 18.72
CA GLY A 98 15.51 -15.63 18.67
C GLY A 98 14.99 -15.48 17.25
N VAL A 99 13.67 -15.47 17.15
CA VAL A 99 12.96 -15.34 15.88
C VAL A 99 12.32 -13.96 15.82
N PHE A 100 12.59 -13.22 14.75
CA PHE A 100 11.86 -12.00 14.44
C PHE A 100 10.67 -12.33 13.54
N LYS A 101 9.52 -11.76 13.85
CA LYS A 101 8.44 -11.75 12.90
C LYS A 101 8.64 -10.61 11.91
N ILE A 102 8.36 -10.88 10.65
CA ILE A 102 8.57 -9.92 9.57
C ILE A 102 7.35 -9.92 8.67
N ASP A 103 7.03 -8.75 8.12
CA ASP A 103 6.00 -8.58 7.11
C ASP A 103 6.69 -8.27 5.80
N TRP A 104 6.48 -9.12 4.81
CA TRP A 104 7.10 -8.89 3.51
C TRP A 104 6.48 -7.67 2.85
N ILE A 105 7.34 -6.87 2.24
CA ILE A 105 6.92 -5.70 1.48
C ILE A 105 7.06 -6.00 -0.01
N CYS A 106 8.07 -6.78 -0.38
CA CYS A 106 8.28 -7.16 -1.77
C CYS A 106 8.92 -8.54 -1.77
N ARG A 107 8.29 -9.49 -2.46
CA ARG A 107 8.85 -10.83 -2.62
C ARG A 107 9.50 -11.05 -3.97
N ARG A 108 9.65 -10.00 -4.76
CA ARG A 108 10.26 -10.06 -6.08
C ARG A 108 11.76 -9.83 -5.98
N GLU A 109 12.49 -10.34 -6.99
CA GLU A 109 13.93 -10.21 -7.00
C GLU A 109 14.37 -8.93 -7.69
N LEU A 110 15.61 -8.55 -7.42
CA LEU A 110 16.28 -7.45 -8.10
C LEU A 110 17.74 -7.85 -8.37
N PRO A 111 18.17 -7.91 -9.63
CA PRO A 111 19.57 -8.24 -9.90
C PRO A 111 20.52 -7.11 -9.48
N PHE A 112 21.68 -7.52 -8.99
CA PHE A 112 22.69 -6.55 -8.58
C PHE A 112 23.05 -5.57 -9.70
N THR A 113 22.96 -6.00 -10.96
CA THR A 113 23.28 -5.11 -12.07
C THR A 113 22.41 -3.85 -12.05
N LYS A 114 21.21 -3.93 -11.46
CA LYS A 114 20.30 -2.79 -11.42
C LYS A 114 20.57 -1.83 -10.26
N SER A 115 21.38 -2.23 -9.27
CA SER A 115 21.69 -1.35 -8.15
C SER A 115 23.10 -0.78 -8.22
N ALA A 116 23.76 -0.92 -9.37
CA ALA A 116 25.16 -0.53 -9.54
C ALA A 116 25.40 0.95 -9.29
N HIS A 117 24.37 1.79 -9.38
CA HIS A 117 24.52 3.23 -9.19
C HIS A 117 24.29 3.66 -7.75
N LEU A 118 24.04 2.74 -6.83
CA LEU A 118 23.81 3.06 -5.43
C LEU A 118 25.00 2.62 -4.59
N THR A 119 25.52 3.54 -3.79
CA THR A 119 26.62 3.24 -2.87
C THR A 119 26.16 3.47 -1.45
N ASN A 120 26.75 2.70 -0.53
CA ASN A 120 26.37 2.75 0.87
C ASN A 120 27.42 3.53 1.67
N PRO A 121 27.11 4.74 2.13
CA PRO A 121 28.08 5.49 2.96
C PRO A 121 28.55 4.73 4.18
N TRP A 122 27.72 3.87 4.76
CA TRP A 122 28.13 3.14 5.96
C TRP A 122 29.02 1.94 5.66
N ASN A 123 29.30 1.66 4.39
CA ASN A 123 30.28 0.67 4.00
C ASN A 123 31.25 1.26 2.97
N GLU A 124 31.85 2.40 3.32
CA GLU A 124 32.92 3.01 2.54
C GLU A 124 32.48 3.42 1.14
N HIS A 125 31.18 3.69 0.97
CA HIS A 125 30.60 4.05 -0.33
C HIS A 125 30.83 2.97 -1.39
N LYS A 126 31.01 1.72 -0.97
CA LYS A 126 30.98 0.59 -1.88
C LYS A 126 29.56 0.37 -2.39
N PRO A 127 29.42 -0.27 -3.57
CA PRO A 127 28.08 -0.58 -4.08
C PRO A 127 27.26 -1.28 -3.02
N VAL A 128 25.96 -0.97 -2.98
CA VAL A 128 25.10 -1.41 -1.88
C VAL A 128 24.99 -2.93 -1.79
N LYS A 129 25.18 -3.63 -2.92
CA LYS A 129 25.21 -5.09 -2.89
C LYS A 129 26.31 -5.64 -2.00
N ILE A 130 27.32 -4.83 -1.69
CA ILE A 130 28.48 -5.28 -0.93
C ILE A 130 28.23 -5.04 0.55
N GLY A 131 28.38 -6.08 1.35
CA GLY A 131 28.26 -5.91 2.78
C GLY A 131 28.15 -7.25 3.48
N ARG A 132 28.59 -7.30 4.73
CA ARG A 132 28.39 -8.48 5.54
C ARG A 132 26.91 -8.59 5.91
N ASP A 133 26.52 -9.80 6.29
CA ASP A 133 25.21 -10.01 6.89
C ASP A 133 25.04 -9.04 8.06
N GLY A 134 23.98 -8.24 8.00
CA GLY A 134 23.70 -7.27 9.04
C GLY A 134 24.22 -5.86 8.80
N GLN A 135 24.90 -5.63 7.68
CA GLN A 135 25.42 -4.29 7.38
C GLN A 135 24.27 -3.29 7.27
N GLU A 136 24.34 -2.21 8.03
CA GLU A 136 23.32 -1.18 7.91
C GLU A 136 23.51 -0.38 6.63
N ILE A 137 22.40 -0.01 6.00
CA ILE A 137 22.38 0.79 4.78
C ILE A 137 21.79 2.16 5.12
N GLU A 138 22.52 3.23 4.77
CA GLU A 138 22.06 4.59 5.07
C GLU A 138 20.70 4.87 4.44
N LEU A 139 19.91 5.74 5.08
CA LEU A 139 18.51 5.99 4.73
C LEU A 139 18.28 6.23 3.24
N GLU A 140 19.00 7.19 2.66
CA GLU A 140 18.74 7.55 1.27
C GLU A 140 19.06 6.39 0.32
N CYS A 141 20.21 5.75 0.53
CA CYS A 141 20.59 4.59 -0.27
C CYS A 141 19.57 3.47 -0.14
N GLY A 142 19.16 3.15 1.09
CA GLY A 142 18.22 2.06 1.30
C GLY A 142 16.87 2.35 0.70
N THR A 143 16.41 3.59 0.80
CA THR A 143 15.13 3.98 0.20
C THR A 143 15.17 3.78 -1.32
N GLN A 144 16.21 4.30 -1.97
CA GLN A 144 16.30 4.14 -3.41
C GLN A 144 16.45 2.69 -3.82
N LEU A 145 17.20 1.90 -3.05
CA LEU A 145 17.33 0.48 -3.37
C LEU A 145 15.96 -0.19 -3.34
N CYS A 146 15.17 0.07 -2.29
CA CYS A 146 13.86 -0.55 -2.21
C CYS A 146 12.96 -0.11 -3.35
N LEU A 147 13.06 1.16 -3.77
CA LEU A 147 12.22 1.64 -4.87
C LEU A 147 12.62 1.07 -6.22
N LEU A 148 13.80 0.46 -6.35
CA LEU A 148 14.19 -0.18 -7.59
C LEU A 148 13.49 -1.52 -7.81
N PHE A 149 13.03 -2.17 -6.76
CA PHE A 149 12.44 -3.50 -6.92
C PHE A 149 11.17 -3.40 -7.74
N PRO A 150 10.84 -4.46 -8.49
CA PRO A 150 9.56 -4.49 -9.18
C PRO A 150 8.43 -4.41 -8.18
N PRO A 151 7.35 -3.68 -8.46
CA PRO A 151 6.23 -3.68 -7.53
C PRO A 151 5.69 -5.08 -7.33
N ASP A 152 5.31 -5.40 -6.10
CA ASP A 152 4.73 -6.70 -5.75
C ASP A 152 3.24 -6.48 -5.50
N GLU A 153 2.46 -6.70 -6.55
CA GLU A 153 1.02 -6.45 -6.51
C GLU A 153 0.26 -7.45 -5.65
N SER A 154 0.92 -8.48 -5.12
CA SER A 154 0.25 -9.39 -4.21
C SER A 154 0.15 -8.85 -2.78
N ILE A 155 0.87 -7.78 -2.47
CA ILE A 155 0.98 -7.29 -1.10
C ILE A 155 0.15 -6.01 -0.94
N ASP A 156 -0.58 -5.94 0.16
CA ASP A 156 -1.38 -4.76 0.53
C ASP A 156 -0.72 -4.14 1.75
N LEU A 157 -0.19 -2.92 1.62
CA LEU A 157 0.54 -2.32 2.73
C LEU A 157 -0.35 -1.66 3.79
N TYR A 158 -1.67 -1.69 3.60
CA TYR A 158 -2.59 -1.12 4.58
C TYR A 158 -2.37 -1.71 5.98
N GLN A 159 -2.26 -3.03 6.08
CA GLN A 159 -2.09 -3.67 7.38
C GLN A 159 -0.73 -3.37 8.00
N VAL A 160 0.31 -3.23 7.17
CA VAL A 160 1.63 -2.85 7.68
C VAL A 160 1.60 -1.43 8.23
N ILE A 161 0.93 -0.52 7.52
CA ILE A 161 0.87 0.87 7.98
C ILE A 161 0.23 0.94 9.36
N HIS A 162 -0.76 0.10 9.63
CA HIS A 162 -1.43 0.11 10.94
C HIS A 162 -0.53 -0.39 12.06
N LYS A 163 0.54 -1.12 11.75
CA LYS A 163 1.45 -1.59 12.77
C LYS A 163 2.46 -0.53 13.20
N MET A 164 2.67 0.50 12.39
CA MET A 164 3.61 1.57 12.71
C MET A 164 3.04 2.50 13.77
N GLY B 1 -26.64 16.46 10.90
CA GLY B 1 -27.34 15.36 10.26
C GLY B 1 -26.40 14.34 9.66
N THR B 2 -25.24 14.18 10.29
CA THR B 2 -24.14 13.41 9.74
C THR B 2 -23.99 12.02 10.37
N SER B 3 -24.90 11.60 11.26
CA SER B 3 -24.73 10.33 11.95
C SER B 3 -24.68 9.16 10.98
N LYS B 4 -25.61 9.13 10.02
CA LYS B 4 -25.64 8.03 9.06
C LYS B 4 -24.35 7.97 8.25
N LEU B 5 -23.92 9.11 7.72
CA LEU B 5 -22.72 9.11 6.90
C LEU B 5 -21.51 8.71 7.70
N LYS B 6 -21.38 9.22 8.93
CA LYS B 6 -20.23 8.85 9.76
C LYS B 6 -20.23 7.36 10.05
N TYR B 7 -21.42 6.77 10.23
CA TYR B 7 -21.52 5.33 10.38
C TYR B 7 -21.00 4.60 9.15
N VAL B 8 -21.41 5.05 7.96
CA VAL B 8 -20.95 4.40 6.73
C VAL B 8 -19.43 4.46 6.60
N LEU B 9 -18.84 5.57 7.03
CA LEU B 9 -17.41 5.81 6.85
C LEU B 9 -16.53 5.28 7.98
N GLN B 10 -17.11 4.70 9.03
CA GLN B 10 -16.31 4.15 10.10
C GLN B 10 -15.42 3.02 9.56
N ASP B 11 -14.12 3.13 9.78
CA ASP B 11 -13.16 2.09 9.38
C ASP B 11 -13.16 1.83 7.87
N ALA B 12 -13.50 2.83 7.08
CA ALA B 12 -13.50 2.75 5.63
C ALA B 12 -12.09 2.92 5.08
N ARG B 13 -11.89 2.42 3.86
CA ARG B 13 -10.73 2.77 3.05
C ARG B 13 -11.20 3.67 1.91
N PHE B 14 -10.33 4.58 1.48
CA PHE B 14 -10.69 5.63 0.53
C PHE B 14 -9.71 5.65 -0.61
N PHE B 15 -10.22 5.76 -1.83
CA PHE B 15 -9.38 5.82 -3.01
C PHE B 15 -9.80 6.97 -3.90
N LEU B 16 -8.84 7.74 -4.37
CA LEU B 16 -9.10 8.75 -5.37
C LEU B 16 -9.24 8.06 -6.73
N ILE B 17 -10.29 8.40 -7.46
CA ILE B 17 -10.54 7.88 -8.80
C ILE B 17 -10.52 9.06 -9.75
N LYS B 18 -9.69 8.99 -10.78
CA LYS B 18 -9.66 10.01 -11.81
C LYS B 18 -10.40 9.49 -13.04
N SER B 19 -11.29 10.31 -13.59
CA SER B 19 -11.96 10.00 -14.84
C SER B 19 -11.39 10.89 -15.94
N ASN B 20 -11.28 10.34 -17.15
CA ASN B 20 -10.79 11.16 -18.25
C ASN B 20 -11.81 12.18 -18.72
N ASN B 21 -13.10 11.98 -18.46
CA ASN B 21 -14.10 12.93 -18.95
C ASN B 21 -15.35 12.91 -18.08
N HIS B 22 -16.21 13.89 -18.31
CA HIS B 22 -17.46 13.94 -17.57
C HIS B 22 -18.44 12.86 -18.01
N GLU B 23 -18.34 12.40 -19.26
CA GLU B 23 -19.32 11.46 -19.80
C GLU B 23 -19.31 10.14 -19.03
N ASN B 24 -18.11 9.62 -18.70
CA ASN B 24 -18.04 8.36 -18.00
C ASN B 24 -18.51 8.47 -16.56
N VAL B 25 -18.31 9.63 -15.94
CA VAL B 25 -18.84 9.84 -14.60
C VAL B 25 -20.36 9.89 -14.65
N SER B 26 -20.92 10.54 -15.67
CA SER B 26 -22.38 10.58 -15.80
CA SER B 26 -22.38 10.57 -15.82
C SER B 26 -22.94 9.17 -15.95
N LEU B 27 -22.30 8.34 -16.76
CA LEU B 27 -22.74 6.98 -16.92
C LEU B 27 -22.64 6.23 -15.59
N ALA B 28 -21.53 6.40 -14.89
CA ALA B 28 -21.30 5.67 -13.64
C ALA B 28 -22.30 6.09 -12.56
N LYS B 29 -22.66 7.37 -12.54
CA LYS B 29 -23.62 7.88 -11.57
C LYS B 29 -25.00 7.30 -11.79
N ALA B 30 -25.39 7.13 -13.07
CA ALA B 30 -26.73 6.62 -13.38
C ALA B 30 -26.81 5.11 -13.19
N LYS B 31 -25.78 4.38 -13.60
CA LYS B 31 -25.82 2.92 -13.65
C LYS B 31 -25.24 2.28 -12.39
N GLY B 32 -24.46 3.01 -11.59
CA GLY B 32 -23.90 2.48 -10.37
C GLY B 32 -22.80 1.45 -10.61
N VAL B 33 -21.88 1.77 -11.52
CA VAL B 33 -20.79 0.87 -11.88
C VAL B 33 -19.52 1.69 -12.09
N TRP B 34 -18.38 1.03 -11.97
CA TRP B 34 -17.10 1.60 -12.36
C TRP B 34 -16.15 0.50 -12.79
N SER B 35 -15.20 0.86 -13.65
CA SER B 35 -14.14 -0.04 -14.07
CA SER B 35 -14.15 -0.05 -14.09
C SER B 35 -12.83 0.73 -14.10
N THR B 36 -11.74 0.06 -13.70
CA THR B 36 -10.44 0.72 -13.63
C THR B 36 -9.38 -0.21 -14.18
N LEU B 37 -8.14 0.29 -14.22
CA LEU B 37 -7.02 -0.48 -14.76
C LEU B 37 -6.66 -1.63 -13.83
N PRO B 38 -5.98 -2.67 -14.36
CA PRO B 38 -5.74 -3.87 -13.54
C PRO B 38 -4.98 -3.63 -12.24
N VAL B 39 -4.02 -2.70 -12.21
CA VAL B 39 -3.30 -2.46 -10.96
C VAL B 39 -4.25 -1.91 -9.89
N ASN B 40 -5.14 -0.99 -10.28
CA ASN B 40 -6.10 -0.47 -9.32
C ASN B 40 -7.21 -1.46 -9.01
N GLU B 41 -7.61 -2.28 -10.00
CA GLU B 41 -8.64 -3.29 -9.75
C GLU B 41 -8.20 -4.23 -8.64
N LYS B 42 -6.94 -4.68 -8.68
CA LYS B 42 -6.44 -5.58 -7.63
C LYS B 42 -6.45 -4.90 -6.27
N LYS B 43 -5.99 -3.65 -6.21
CA LYS B 43 -6.01 -2.90 -4.96
C LYS B 43 -7.42 -2.79 -4.39
N LEU B 44 -8.40 -2.51 -5.25
CA LEU B 44 -9.77 -2.31 -4.77
C LEU B 44 -10.40 -3.62 -4.31
N ASN B 45 -10.10 -4.73 -5.01
CA ASN B 45 -10.60 -6.02 -4.57
C ASN B 45 -10.02 -6.42 -3.22
N LEU B 46 -8.72 -6.21 -3.02
CA LEU B 46 -8.13 -6.45 -1.71
C LEU B 46 -8.79 -5.59 -0.65
N ALA B 47 -9.01 -4.31 -0.95
CA ALA B 47 -9.63 -3.42 0.03
C ALA B 47 -11.05 -3.84 0.34
N PHE B 48 -11.80 -4.30 -0.67
CA PHE B 48 -13.18 -4.69 -0.44
C PHE B 48 -13.29 -5.81 0.58
N ARG B 49 -12.32 -6.71 0.62
CA ARG B 49 -12.33 -7.83 1.55
C ARG B 49 -11.78 -7.47 2.93
N SER B 50 -11.09 -6.33 3.07
CA SER B 50 -10.43 -5.98 4.33
C SER B 50 -11.14 -4.91 5.14
N ALA B 51 -11.99 -4.09 4.52
CA ALA B 51 -12.61 -2.97 5.19
C ALA B 51 -14.12 -3.09 5.10
N ARG B 52 -14.80 -2.51 6.09
CA ARG B 52 -16.26 -2.53 6.09
C ARG B 52 -16.84 -1.71 4.94
N SER B 53 -16.17 -0.62 4.56
CA SER B 53 -16.58 0.19 3.41
C SER B 53 -15.34 0.56 2.62
N VAL B 54 -15.45 0.51 1.30
CA VAL B 54 -14.45 1.04 0.38
C VAL B 54 -15.10 2.18 -0.39
N ILE B 55 -14.52 3.35 -0.29
CA ILE B 55 -15.09 4.57 -0.83
C ILE B 55 -14.22 5.04 -1.98
N LEU B 56 -14.86 5.33 -3.11
CA LEU B 56 -14.23 5.91 -4.28
C LEU B 56 -14.64 7.36 -4.35
N ILE B 57 -13.65 8.25 -4.41
CA ILE B 57 -13.90 9.68 -4.50
C ILE B 57 -13.49 10.13 -5.89
N PHE B 58 -14.45 10.62 -6.66
CA PHE B 58 -14.24 10.83 -8.10
C PHE B 58 -13.81 12.25 -8.44
N SER B 59 -12.85 12.37 -9.35
CA SER B 59 -12.47 13.67 -9.91
C SER B 59 -12.18 13.53 -11.40
N VAL B 60 -12.88 14.32 -12.20
CA VAL B 60 -12.58 14.36 -13.64
C VAL B 60 -11.31 15.17 -13.85
N ARG B 61 -10.40 14.61 -14.63
CA ARG B 61 -9.10 15.27 -14.85
C ARG B 61 -9.31 16.68 -15.39
N GLU B 62 -8.59 17.63 -14.81
CA GLU B 62 -8.59 19.05 -15.20
C GLU B 62 -9.87 19.81 -14.86
N SER B 63 -10.81 19.20 -14.14
CA SER B 63 -12.06 19.88 -13.82
C SER B 63 -11.94 20.82 -12.62
N GLY B 64 -10.89 20.67 -11.81
CA GLY B 64 -10.77 21.43 -10.58
C GLY B 64 -11.77 21.08 -9.50
N LYS B 65 -12.45 19.94 -9.61
CA LYS B 65 -13.47 19.55 -8.63
C LYS B 65 -13.45 18.04 -8.45
N PHE B 66 -14.05 17.62 -7.34
CA PHE B 66 -14.54 16.26 -7.18
C PHE B 66 -16.00 16.25 -7.60
N GLN B 67 -16.46 15.15 -8.18
CA GLN B 67 -17.82 15.04 -8.68
C GLN B 67 -18.72 14.19 -7.80
N GLY B 68 -18.20 13.60 -6.73
CA GLY B 68 -18.99 12.82 -5.81
C GLY B 68 -18.18 11.68 -5.25
N PHE B 69 -18.86 10.83 -4.49
CA PHE B 69 -18.21 9.67 -3.93
C PHE B 69 -19.21 8.53 -3.76
N ALA B 70 -18.69 7.31 -3.78
CA ALA B 70 -19.51 6.11 -3.85
C ALA B 70 -18.84 5.00 -3.06
N ARG B 71 -19.62 4.01 -2.65
CA ARG B 71 -19.13 2.87 -1.89
C ARG B 71 -19.22 1.61 -2.74
N LEU B 72 -18.15 0.83 -2.80
CA LEU B 72 -18.20 -0.47 -3.49
C LEU B 72 -19.23 -1.37 -2.83
N SER B 73 -20.10 -1.96 -3.65
CA SER B 73 -20.98 -3.01 -3.15
C SER B 73 -20.52 -4.41 -3.53
N SER B 74 -19.52 -4.53 -4.39
CA SER B 74 -19.04 -5.84 -4.81
C SER B 74 -17.57 -5.72 -5.19
N GLU B 75 -16.89 -6.87 -5.22
CA GLU B 75 -15.63 -6.96 -5.93
C GLU B 75 -15.89 -6.83 -7.43
N SER B 76 -14.83 -6.70 -8.21
CA SER B 76 -15.01 -6.62 -9.65
C SER B 76 -15.48 -7.96 -10.18
N HIS B 77 -16.33 -7.91 -11.20
CA HIS B 77 -16.91 -9.10 -11.79
C HIS B 77 -16.77 -9.02 -13.30
N HIS B 78 -16.40 -10.13 -13.91
CA HIS B 78 -16.32 -10.24 -15.36
C HIS B 78 -17.46 -11.12 -15.85
N GLY B 79 -17.98 -10.80 -17.03
CA GLY B 79 -19.01 -11.60 -17.66
C GLY B 79 -20.38 -10.96 -17.71
N GLY B 80 -20.54 -9.71 -17.27
CA GLY B 80 -21.80 -9.03 -17.38
C GLY B 80 -21.98 -8.40 -18.75
N SER B 81 -23.13 -7.76 -18.93
CA SER B 81 -23.40 -7.06 -20.18
C SER B 81 -22.36 -5.96 -20.37
N PRO B 82 -21.72 -5.87 -21.53
CA PRO B 82 -20.63 -4.89 -21.71
C PRO B 82 -21.04 -3.46 -21.43
N ILE B 83 -20.57 -2.91 -20.30
CA ILE B 83 -20.76 -1.48 -20.05
C ILE B 83 -20.06 -0.69 -21.14
N HIS B 84 -20.82 0.18 -21.81
CA HIS B 84 -20.30 0.90 -22.98
C HIS B 84 -19.65 2.21 -22.54
N TRP B 85 -18.52 2.08 -21.86
CA TRP B 85 -17.71 3.23 -21.50
C TRP B 85 -17.28 3.98 -22.75
N VAL B 86 -17.08 5.29 -22.60
CA VAL B 86 -16.39 6.08 -23.61
C VAL B 86 -14.90 5.82 -23.42
N LEU B 87 -14.37 4.87 -24.19
CA LEU B 87 -13.01 4.37 -23.96
C LEU B 87 -11.98 5.36 -24.48
N PRO B 88 -10.98 5.72 -23.69
CA PRO B 88 -9.90 6.57 -24.20
C PRO B 88 -8.97 5.80 -25.13
N ALA B 89 -8.14 6.54 -25.84
CA ALA B 89 -7.20 5.94 -26.78
C ALA B 89 -6.12 5.15 -26.05
N GLY B 97 -11.90 -3.91 -17.56
CA GLY B 97 -12.40 -5.25 -17.76
C GLY B 97 -13.41 -5.67 -16.70
N GLY B 98 -12.96 -5.75 -15.45
CA GLY B 98 -13.86 -6.07 -14.37
C GLY B 98 -14.71 -4.87 -13.98
N VAL B 99 -15.98 -5.14 -13.68
CA VAL B 99 -16.92 -4.09 -13.31
C VAL B 99 -17.22 -4.18 -11.83
N PHE B 100 -17.03 -3.07 -11.12
CA PHE B 100 -17.46 -2.95 -9.74
C PHE B 100 -18.86 -2.37 -9.69
N LYS B 101 -19.73 -2.97 -8.88
CA LYS B 101 -20.98 -2.33 -8.52
C LYS B 101 -20.73 -1.34 -7.40
N ILE B 102 -21.29 -0.14 -7.53
CA ILE B 102 -21.08 0.93 -6.55
C ILE B 102 -22.41 1.59 -6.22
N ASP B 103 -22.54 2.01 -4.97
CA ASP B 103 -23.68 2.78 -4.50
C ASP B 103 -23.20 4.20 -4.23
N TRP B 104 -23.77 5.17 -4.94
CA TRP B 104 -23.37 6.54 -4.73
C TRP B 104 -23.86 7.05 -3.38
N ILE B 105 -22.99 7.79 -2.70
CA ILE B 105 -23.32 8.41 -1.43
CA ILE B 105 -23.28 8.40 -1.41
C ILE B 105 -23.56 9.89 -1.63
N CYS B 106 -22.83 10.49 -2.57
CA CYS B 106 -23.05 11.88 -2.93
C CYS B 106 -22.73 12.04 -4.40
N ARG B 107 -23.65 12.61 -5.17
CA ARG B 107 -23.40 12.87 -6.59
C ARG B 107 -23.21 14.34 -6.87
N ARG B 108 -22.99 15.13 -5.84
CA ARG B 108 -22.81 16.57 -5.96
C ARG B 108 -21.33 16.91 -5.95
N GLU B 109 -21.02 18.04 -6.55
CA GLU B 109 -19.64 18.45 -6.74
C GLU B 109 -19.08 19.11 -5.49
N LEU B 110 -17.77 19.00 -5.33
CA LEU B 110 -17.02 19.72 -4.31
C LEU B 110 -15.82 20.35 -5.02
N PRO B 111 -15.72 21.66 -5.12
CA PRO B 111 -14.54 22.27 -5.75
CA PRO B 111 -14.55 22.25 -5.76
C PRO B 111 -13.31 22.08 -4.90
N PHE B 112 -12.17 21.94 -5.58
CA PHE B 112 -10.90 21.81 -4.87
C PHE B 112 -10.66 22.97 -3.91
N THR B 113 -11.24 24.14 -4.20
CA THR B 113 -11.09 25.29 -3.30
C THR B 113 -11.70 25.05 -1.92
N LYS B 114 -12.57 24.06 -1.77
CA LYS B 114 -13.14 23.76 -0.46
C LYS B 114 -12.39 22.66 0.29
N SER B 115 -11.39 22.04 -0.32
CA SER B 115 -10.61 20.98 0.31
C SER B 115 -9.15 21.37 0.51
N ALA B 116 -8.84 22.65 0.33
CA ALA B 116 -7.46 23.12 0.31
C ALA B 116 -6.77 22.99 1.67
N HIS B 117 -7.53 22.82 2.73
CA HIS B 117 -6.97 22.66 4.07
C HIS B 117 -6.65 21.21 4.41
N LEU B 118 -6.99 20.25 3.55
CA LEU B 118 -6.82 18.83 3.84
C LEU B 118 -5.63 18.26 3.06
N THR B 119 -4.76 17.55 3.77
CA THR B 119 -3.60 16.90 3.18
C THR B 119 -3.64 15.41 3.48
N ASN B 120 -3.08 14.62 2.58
CA ASN B 120 -3.12 13.17 2.66
C ASN B 120 -1.79 12.66 3.16
N PRO B 121 -1.71 12.14 4.40
CA PRO B 121 -0.42 11.64 4.91
C PRO B 121 0.18 10.53 4.06
N TRP B 122 -0.63 9.74 3.36
CA TRP B 122 -0.14 8.65 2.54
C TRP B 122 0.22 9.09 1.13
N ASN B 123 0.19 10.40 0.87
CA ASN B 123 0.79 10.98 -0.32
C ASN B 123 1.65 12.19 0.05
N GLU B 124 2.60 11.99 0.97
CA GLU B 124 3.60 13.00 1.34
C GLU B 124 2.98 14.26 1.96
N HIS B 125 1.79 14.17 2.53
CA HIS B 125 1.12 15.31 3.13
C HIS B 125 0.84 16.40 2.10
N LYS B 126 0.66 16.00 0.84
CA LYS B 126 0.22 16.89 -0.21
C LYS B 126 -1.29 17.09 -0.13
N PRO B 127 -1.79 18.22 -0.62
CA PRO B 127 -3.25 18.44 -0.62
C PRO B 127 -3.98 17.26 -1.24
N VAL B 128 -5.12 16.90 -0.64
CA VAL B 128 -5.80 15.66 -0.97
C VAL B 128 -6.25 15.61 -2.43
N LYS B 129 -6.47 16.76 -3.06
CA LYS B 129 -6.81 16.77 -4.48
C LYS B 129 -5.73 16.13 -5.34
N ILE B 130 -4.48 16.16 -4.88
CA ILE B 130 -3.36 15.66 -5.67
C ILE B 130 -3.27 14.15 -5.55
N GLY B 131 -3.23 13.47 -6.68
CA GLY B 131 -2.94 12.05 -6.69
C GLY B 131 -3.22 11.39 -8.01
N ARG B 132 -2.58 10.26 -8.25
CA ARG B 132 -2.90 9.48 -9.43
C ARG B 132 -4.20 8.74 -9.20
N ASP B 133 -4.80 8.30 -10.31
CA ASP B 133 -5.93 7.39 -10.23
C ASP B 133 -5.57 6.23 -9.33
N GLY B 134 -6.44 5.92 -8.37
CA GLY B 134 -6.19 4.84 -7.45
C GLY B 134 -5.44 5.21 -6.18
N GLN B 135 -5.02 6.46 -6.04
CA GLN B 135 -4.24 6.85 -4.85
C GLN B 135 -5.08 6.62 -3.60
N GLU B 136 -4.54 5.87 -2.64
CA GLU B 136 -5.27 5.64 -1.40
C GLU B 136 -5.13 6.86 -0.48
N ILE B 137 -6.23 7.20 0.18
CA ILE B 137 -6.29 8.35 1.08
C ILE B 137 -6.44 7.82 2.51
N GLU B 138 -5.60 8.34 3.42
CA GLU B 138 -5.64 7.92 4.82
C GLU B 138 -7.02 8.20 5.43
N LEU B 139 -7.39 7.37 6.43
CA LEU B 139 -8.73 7.32 7.00
C LEU B 139 -9.28 8.69 7.42
N GLU B 140 -8.55 9.41 8.26
CA GLU B 140 -9.10 10.66 8.78
C GLU B 140 -9.22 11.72 7.68
N CYS B 141 -8.21 11.81 6.81
CA CYS B 141 -8.28 12.74 5.69
C CYS B 141 -9.44 12.40 4.76
N GLY B 142 -9.60 11.11 4.43
CA GLY B 142 -10.70 10.70 3.58
C GLY B 142 -12.04 10.98 4.20
N THR B 143 -12.17 10.72 5.51
CA THR B 143 -13.42 10.98 6.21
C THR B 143 -13.78 12.45 6.18
N GLN B 144 -12.82 13.31 6.50
CA GLN B 144 -13.08 14.75 6.47
C GLN B 144 -13.39 15.23 5.07
N LEU B 145 -12.69 14.68 4.06
CA LEU B 145 -13.00 15.05 2.68
C LEU B 145 -14.45 14.73 2.34
N CYS B 146 -14.90 13.53 2.67
CA CYS B 146 -16.27 13.16 2.36
C CYS B 146 -17.28 14.02 3.10
N LEU B 147 -16.96 14.42 4.34
CA LEU B 147 -17.86 15.25 5.12
C LEU B 147 -17.99 16.66 4.55
N LEU B 148 -17.05 17.09 3.70
CA LEU B 148 -17.12 18.40 3.08
C LEU B 148 -18.18 18.50 2.00
N PHE B 149 -18.55 17.38 1.37
CA PHE B 149 -19.50 17.43 0.26
C PHE B 149 -20.86 17.91 0.78
N PRO B 150 -21.64 18.58 -0.07
CA PRO B 150 -22.97 18.97 0.37
C PRO B 150 -23.87 17.74 0.47
N PRO B 151 -24.87 17.78 1.33
CA PRO B 151 -25.83 16.65 1.36
C PRO B 151 -26.56 16.53 0.05
N ASP B 152 -26.85 15.29 -0.35
CA ASP B 152 -27.48 15.00 -1.64
C ASP B 152 -28.87 14.42 -1.39
N GLU B 153 -29.91 15.17 -1.78
CA GLU B 153 -31.28 14.76 -1.51
C GLU B 153 -31.77 13.66 -2.45
N SER B 154 -31.06 13.37 -3.53
CA SER B 154 -31.43 12.26 -4.39
C SER B 154 -31.00 10.93 -3.81
N ILE B 155 -30.24 10.93 -2.71
CA ILE B 155 -29.64 9.72 -2.17
C ILE B 155 -30.30 9.35 -0.85
N ASP B 156 -30.58 8.06 -0.70
CA ASP B 156 -31.12 7.48 0.51
C ASP B 156 -30.10 6.46 0.98
N LEU B 157 -29.50 6.68 2.14
CA LEU B 157 -28.45 5.79 2.65
C LEU B 157 -28.97 4.46 3.18
N TYR B 158 -30.28 4.24 3.16
CA TYR B 158 -30.86 3.07 3.82
C TYR B 158 -30.29 1.77 3.26
N GLN B 159 -30.21 1.68 1.92
CA GLN B 159 -29.71 0.45 1.30
C GLN B 159 -28.26 0.19 1.67
N VAL B 160 -27.42 1.22 1.60
CA VAL B 160 -26.01 1.06 1.94
C VAL B 160 -25.85 0.56 3.37
N ILE B 161 -26.58 1.17 4.30
CA ILE B 161 -26.47 0.78 5.69
C ILE B 161 -26.86 -0.69 5.87
N HIS B 162 -27.87 -1.14 5.13
CA HIS B 162 -28.30 -2.54 5.21
C HIS B 162 -27.32 -3.49 4.55
N LYS B 163 -26.47 -3.00 3.64
CA LYS B 163 -25.46 -3.85 3.01
C LYS B 163 -24.21 -4.05 3.86
N MET B 164 -24.03 -3.24 4.89
CA MET B 164 -22.80 -3.30 5.68
C MET B 164 -22.86 -4.42 6.72
C02 A1IR4 C . 20.12 -18.24 7.13
C04 A1IR4 C . 20.75 -16.96 8.91
C08 A1IR4 C . 18.93 -18.53 7.75
N03 A1IR4 C . 21.01 -17.46 7.70
N06 A1IR4 C . 19.61 -17.25 9.52
N07 A1IR4 C . 18.67 -18.05 8.94
O01 A1IR4 C . 20.40 -18.76 5.87
S05 A1IR4 C . 21.96 -15.89 9.72
C02 A1IR4 D . 7.10 -17.39 14.69
C04 A1IR4 D . 7.17 -19.41 13.58
C08 A1IR4 D . 8.02 -17.87 15.58
N03 A1IR4 D . 6.65 -18.15 13.68
N06 A1IR4 D . 8.07 -19.86 14.43
N07 A1IR4 D . 8.52 -19.09 15.44
O01 A1IR4 D . 6.62 -16.08 14.87
S05 A1IR4 D . 6.69 -20.56 12.30
S SO4 E . -0.99 3.61 -3.35
O1 SO4 E . -2.29 4.13 -2.86
O2 SO4 E . -1.18 2.51 -4.34
O3 SO4 E . -0.20 4.70 -4.02
O4 SO4 E . -0.19 3.09 -2.20
S SO4 F . 6.73 -28.39 18.10
O1 SO4 F . 6.64 -26.95 18.49
O2 SO4 F . 5.57 -29.10 18.74
O3 SO4 F . 6.61 -28.52 16.61
O4 SO4 F . 8.02 -28.99 18.57
S SO4 G . 12.22 -14.28 24.76
O1 SO4 G . 11.80 -12.85 24.71
O2 SO4 G . 12.40 -14.70 26.19
O3 SO4 G . 11.17 -15.13 24.13
O4 SO4 G . 13.52 -14.45 24.02
C02 A1IR4 H . -12.56 6.56 -17.33
C04 A1IR4 H . -11.28 4.95 -16.29
C08 A1IR4 H . -13.62 5.70 -17.34
N03 A1IR4 H . -11.40 6.18 -16.79
N06 A1IR4 H . -12.33 4.11 -16.31
N07 A1IR4 H . -13.51 4.49 -16.85
O01 A1IR4 H . -12.72 7.84 -17.86
S05 A1IR4 H . -9.72 4.40 -15.56
S SO4 I . -24.34 19.80 -7.95
O1 SO4 I . -24.27 20.27 -6.53
O2 SO4 I . -25.43 18.79 -8.09
O3 SO4 I . -24.65 20.97 -8.85
O4 SO4 I . -23.03 19.17 -8.29
S SO4 J . -31.47 11.58 8.81
O1 SO4 J . -30.84 12.92 8.98
O2 SO4 J . -30.84 10.58 9.70
O3 SO4 J . -32.93 11.73 9.13
O4 SO4 J . -31.30 11.13 7.40
S SO4 K . -27.54 23.46 -1.25
O1 SO4 K . -28.61 22.60 -0.67
O2 SO4 K . -26.24 22.73 -1.26
O3 SO4 K . -27.92 23.83 -2.67
O4 SO4 K . -27.40 24.71 -0.44
#